data_4ZRN
#
_entry.id   4ZRN
#
_cell.length_a   82.108
_cell.length_b   149.937
_cell.length_c   61.124
_cell.angle_alpha   90.00
_cell.angle_beta   90.00
_cell.angle_gamma   90.00
#
_symmetry.space_group_name_H-M   'P 21 21 2'
#
loop_
_entity.id
_entity.type
_entity.pdbx_description
1 polymer 'UDP-glucose 4-epimerase'
2 non-polymer NICOTINAMIDE-ADENINE-DINUCLEOTIDE
3 non-polymer "URIDINE-5'-DIPHOSPHATE-GLUCOSE"
4 water water
#
_entity_poly.entity_id   1
_entity_poly.type   'polypeptide(L)'
_entity_poly.pdbx_seq_one_letter_code
;GSHMNILVTGGAGFIGSHVVDKLIENGYGVIVVDNLSSGKVENLNRNALFYEQSIEDEEMMERIFSLHRPEYVFHLAAQA
SVAISVREPARDAKTNIIGSLVLLEKSIKYGVKKFIFSSTGGAIYGENVKVFPTPETEIPHPISPYGIAKYSTEMYLEFF
AREYGLKYTVLRYANVYGPRQDPYGEAGVVAIFTERMLRGEEVHIFGDGEYVRDYVYVDDVVRANLLAMEKGDNEVFNIG
TGRGTTVNQLFKLLKEITGYDKEPVYKPPRKGDVRKSILDYTKAKEKLGWEPKVSLEEGLKLTVEYFRKTLE
;
_entity_poly.pdbx_strand_id   A,B
#
# COMPACT_ATOMS: atom_id res chain seq x y z
N MET A 4 24.65 -19.90 -11.85
CA MET A 4 23.80 -19.09 -10.95
C MET A 4 22.35 -19.02 -11.46
N ASN A 5 21.38 -19.30 -10.57
CA ASN A 5 19.96 -19.21 -10.93
C ASN A 5 19.37 -17.82 -10.70
N ILE A 6 18.57 -17.37 -11.66
CA ILE A 6 17.89 -16.06 -11.59
C ILE A 6 16.41 -16.25 -11.86
N LEU A 7 15.57 -15.70 -10.99
CA LEU A 7 14.13 -15.71 -11.23
C LEU A 7 13.72 -14.40 -11.88
N VAL A 8 13.01 -14.47 -13.01
CA VAL A 8 12.42 -13.28 -13.61
C VAL A 8 10.90 -13.43 -13.62
N THR A 9 10.20 -12.65 -12.81
CA THR A 9 8.75 -12.63 -12.88
C THR A 9 8.31 -11.71 -14.01
N GLY A 10 7.21 -12.05 -14.66
CA GLY A 10 6.72 -11.23 -15.76
C GLY A 10 7.56 -11.39 -17.01
N GLY A 11 8.30 -12.49 -17.08
CA GLY A 11 9.23 -12.69 -18.18
C GLY A 11 8.61 -12.93 -19.55
N ALA A 12 7.30 -13.12 -19.60
CA ALA A 12 6.64 -13.27 -20.89
C ALA A 12 6.16 -11.92 -21.41
N GLY A 13 6.44 -10.86 -20.65
CA GLY A 13 5.93 -9.54 -21.01
C GLY A 13 6.90 -8.71 -21.82
N PHE A 14 6.55 -7.44 -22.05
CA PHE A 14 7.33 -6.51 -22.88
C PHE A 14 8.75 -6.34 -22.32
N ILE A 15 8.88 -5.69 -21.18
CA ILE A 15 10.21 -5.46 -20.62
C ILE A 15 10.85 -6.76 -20.14
N GLY A 16 10.08 -7.58 -19.43
CA GLY A 16 10.62 -8.80 -18.82
C GLY A 16 11.25 -9.78 -19.80
N SER A 17 10.70 -9.89 -21.00
CA SER A 17 11.23 -10.84 -21.98
C SER A 17 12.59 -10.39 -22.49
N HIS A 18 12.77 -9.09 -22.60
CA HIS A 18 14.09 -8.54 -22.96
C HIS A 18 15.10 -8.80 -21.85
N VAL A 19 14.66 -8.68 -20.59
CA VAL A 19 15.54 -8.99 -19.46
C VAL A 19 15.97 -10.47 -19.49
N VAL A 20 15.01 -11.37 -19.70
CA VAL A 20 15.31 -12.79 -19.85
C VAL A 20 16.34 -13.07 -20.94
N ASP A 21 16.14 -12.48 -22.13
CA ASP A 21 17.04 -12.69 -23.25
C ASP A 21 18.45 -12.30 -22.89
N LYS A 22 18.60 -11.16 -22.23
CA LYS A 22 19.93 -10.65 -21.88
C LYS A 22 20.61 -11.55 -20.86
N LEU A 23 19.85 -12.01 -19.88
CA LEU A 23 20.40 -12.91 -18.86
C LEU A 23 20.80 -14.24 -19.47
N ILE A 24 19.97 -14.77 -20.37
CA ILE A 24 20.29 -16.01 -21.06
C ILE A 24 21.58 -15.82 -21.85
N GLU A 25 21.64 -14.75 -22.63
CA GLU A 25 22.83 -14.41 -23.42
C GLU A 25 24.10 -14.33 -22.57
N ASN A 26 23.99 -13.80 -21.35
CA ASN A 26 25.13 -13.69 -20.46
C ASN A 26 25.47 -14.95 -19.68
N GLY A 27 24.71 -16.04 -19.92
CA GLY A 27 25.07 -17.34 -19.36
C GLY A 27 24.43 -17.73 -18.05
N TYR A 28 23.39 -17.03 -17.63
CA TYR A 28 22.72 -17.37 -16.38
C TYR A 28 21.68 -18.47 -16.61
N GLY A 29 21.43 -19.28 -15.57
CA GLY A 29 20.25 -20.12 -15.55
C GLY A 29 19.05 -19.25 -15.21
N VAL A 30 18.06 -19.19 -16.10
CA VAL A 30 16.92 -18.30 -15.88
C VAL A 30 15.62 -19.07 -15.71
N ILE A 31 14.88 -18.74 -14.65
CA ILE A 31 13.57 -19.32 -14.40
C ILE A 31 12.52 -18.20 -14.53
N VAL A 32 11.49 -18.44 -15.35
CA VAL A 32 10.44 -17.43 -15.58
C VAL A 32 9.12 -17.84 -14.94
N VAL A 33 8.51 -16.90 -14.21
CA VAL A 33 7.15 -17.06 -13.71
C VAL A 33 6.26 -16.02 -14.41
N ASP A 34 5.21 -16.47 -15.09
CA ASP A 34 4.29 -15.56 -15.77
C ASP A 34 2.95 -16.26 -15.98
N ASN A 35 1.85 -15.60 -15.59
CA ASN A 35 0.52 -16.22 -15.74
C ASN A 35 -0.12 -15.95 -17.10
N LEU A 36 0.64 -15.26 -17.96
CA LEU A 36 0.19 -14.91 -19.31
C LEU A 36 -1.14 -14.16 -19.35
N SER A 37 -1.35 -13.30 -18.35
CA SER A 37 -2.51 -12.42 -18.33
C SER A 37 -2.35 -11.32 -19.37
N SER A 38 -1.17 -10.72 -19.45
CA SER A 38 -0.87 -9.74 -20.51
C SER A 38 0.35 -10.11 -21.36
N GLY A 39 1.16 -11.07 -20.90
CA GLY A 39 2.34 -11.49 -21.65
C GLY A 39 1.99 -12.44 -22.80
N LYS A 40 2.99 -12.79 -23.62
CA LYS A 40 2.74 -13.62 -24.81
C LYS A 40 3.67 -14.81 -24.87
N VAL A 41 3.15 -15.95 -25.31
CA VAL A 41 3.96 -17.16 -25.45
C VAL A 41 5.11 -16.93 -26.43
N GLU A 42 4.87 -16.13 -27.47
CA GLU A 42 5.92 -15.83 -28.46
C GLU A 42 7.12 -15.09 -27.84
N ASN A 43 6.91 -14.42 -26.71
CA ASN A 43 8.00 -13.66 -26.08
C ASN A 43 8.99 -14.53 -25.31
N LEU A 44 8.56 -15.75 -24.99
CA LEU A 44 9.36 -16.65 -24.16
C LEU A 44 10.62 -17.12 -24.83
N ASN A 45 11.66 -17.31 -24.02
CA ASN A 45 12.97 -17.76 -24.50
C ASN A 45 13.07 -19.26 -24.26
N ARG A 46 13.28 -20.03 -25.32
CA ARG A 46 13.26 -21.49 -25.22
C ARG A 46 14.33 -22.05 -24.29
N ASN A 47 15.33 -21.23 -23.97
CA ASN A 47 16.40 -21.67 -23.09
C ASN A 47 16.10 -21.42 -21.61
N ALA A 48 15.01 -20.71 -21.33
CA ALA A 48 14.63 -20.46 -19.95
C ALA A 48 13.61 -21.49 -19.48
N LEU A 49 13.65 -21.80 -18.19
CA LEU A 49 12.63 -22.66 -17.60
C LEU A 49 11.37 -21.81 -17.37
N PHE A 50 10.22 -22.29 -17.84
CA PHE A 50 8.99 -21.50 -17.75
C PHE A 50 7.92 -22.11 -16.85
N TYR A 51 7.41 -21.32 -15.91
CA TYR A 51 6.25 -21.73 -15.12
C TYR A 51 5.08 -20.81 -15.38
N GLU A 52 4.02 -21.36 -15.97
CA GLU A 52 2.80 -20.59 -16.20
C GLU A 52 1.98 -20.61 -14.92
N GLN A 53 2.29 -19.68 -14.03
CA GLN A 53 1.77 -19.68 -12.67
C GLN A 53 1.65 -18.24 -12.20
N SER A 54 0.91 -18.03 -11.11
CA SER A 54 0.70 -16.69 -10.60
C SER A 54 1.54 -16.39 -9.35
N ILE A 55 2.16 -15.21 -9.31
CA ILE A 55 3.00 -14.83 -8.18
C ILE A 55 2.29 -14.78 -6.83
N GLU A 56 0.97 -14.64 -6.82
CA GLU A 56 0.30 -14.63 -5.51
C GLU A 56 -0.09 -16.04 -5.03
N ASP A 57 0.26 -17.05 -5.81
CA ASP A 57 0.01 -18.45 -5.44
C ASP A 57 1.13 -18.88 -4.50
N GLU A 58 0.85 -18.85 -3.20
CA GLU A 58 1.83 -19.16 -2.15
C GLU A 58 2.44 -20.55 -2.28
N GLU A 59 1.61 -21.57 -2.48
CA GLU A 59 2.13 -22.93 -2.57
C GLU A 59 3.00 -23.11 -3.80
N MET A 60 2.61 -22.50 -4.91
CA MET A 60 3.37 -22.64 -6.15
C MET A 60 4.69 -21.87 -6.08
N MET A 61 4.66 -20.66 -5.52
CA MET A 61 5.90 -19.93 -5.33
C MET A 61 6.82 -20.65 -4.34
N GLU A 62 6.24 -21.25 -3.29
CA GLU A 62 7.03 -22.04 -2.34
C GLU A 62 7.79 -23.14 -3.08
N ARG A 63 7.09 -23.83 -3.97
CA ARG A 63 7.69 -24.93 -4.72
C ARG A 63 8.83 -24.47 -5.64
N ILE A 64 8.60 -23.42 -6.39
CA ILE A 64 9.57 -22.93 -7.36
C ILE A 64 10.83 -22.40 -6.69
N PHE A 65 10.67 -21.62 -5.62
CA PHE A 65 11.82 -21.14 -4.86
C PHE A 65 12.59 -22.29 -4.20
N SER A 66 11.89 -23.32 -3.74
CA SER A 66 12.58 -24.40 -3.02
C SER A 66 13.40 -25.26 -3.98
N LEU A 67 12.92 -25.40 -5.22
CA LEU A 67 13.63 -26.16 -6.24
C LEU A 67 14.86 -25.45 -6.75
N HIS A 68 14.77 -24.14 -6.94
CA HIS A 68 15.79 -23.44 -7.70
C HIS A 68 16.60 -22.40 -6.93
N ARG A 69 16.11 -22.04 -5.75
CA ARG A 69 16.80 -21.09 -4.86
C ARG A 69 17.48 -19.94 -5.61
N PRO A 70 16.68 -19.15 -6.33
CA PRO A 70 17.33 -18.10 -7.13
C PRO A 70 18.17 -17.13 -6.28
N GLU A 71 19.30 -16.71 -6.84
CA GLU A 71 20.19 -15.81 -6.13
C GLU A 71 19.72 -14.36 -6.30
N TYR A 72 19.11 -14.07 -7.45
CA TYR A 72 18.49 -12.77 -7.70
C TYR A 72 17.04 -12.97 -8.16
N VAL A 73 16.18 -12.01 -7.79
CA VAL A 73 14.85 -11.96 -8.36
C VAL A 73 14.68 -10.64 -9.10
N PHE A 74 14.32 -10.71 -10.37
CA PHE A 74 13.93 -9.50 -11.11
C PHE A 74 12.42 -9.52 -11.16
N HIS A 75 11.77 -8.59 -10.49
CA HIS A 75 10.33 -8.66 -10.32
C HIS A 75 9.65 -7.67 -11.24
N LEU A 76 9.27 -8.16 -12.42
CA LEU A 76 8.58 -7.33 -13.40
C LEU A 76 7.10 -7.68 -13.56
N ALA A 77 6.66 -8.78 -12.96
CA ALA A 77 5.23 -9.14 -13.06
C ALA A 77 4.38 -8.08 -12.40
N ALA A 78 3.36 -7.60 -13.10
CA ALA A 78 2.45 -6.61 -12.54
C ALA A 78 1.18 -6.52 -13.35
N GLN A 79 0.12 -6.01 -12.74
CA GLN A 79 -0.99 -5.49 -13.51
C GLN A 79 -0.49 -4.10 -13.90
N ALA A 80 -0.11 -3.93 -15.16
CA ALA A 80 0.69 -2.77 -15.57
C ALA A 80 -0.09 -1.62 -16.19
N SER A 81 -1.38 -1.82 -16.40
CA SER A 81 -2.23 -0.77 -16.97
C SER A 81 -2.87 0.10 -15.89
N VAL A 82 -2.60 1.41 -15.91
CA VAL A 82 -3.21 2.35 -14.96
C VAL A 82 -4.74 2.33 -15.07
N ALA A 83 -5.24 2.29 -16.30
CA ALA A 83 -6.70 2.33 -16.51
C ALA A 83 -7.38 1.11 -15.89
N ILE A 84 -6.77 -0.06 -16.05
CA ILE A 84 -7.29 -1.27 -15.41
C ILE A 84 -7.24 -1.18 -13.88
N SER A 85 -6.18 -0.57 -13.36
CA SER A 85 -6.06 -0.39 -11.91
C SER A 85 -7.21 0.47 -11.37
N VAL A 86 -7.63 1.47 -12.14
CA VAL A 86 -8.74 2.34 -11.74
C VAL A 86 -10.06 1.56 -11.69
N ARG A 87 -10.28 0.73 -12.72
CA ARG A 87 -11.52 -0.03 -12.82
C ARG A 87 -11.60 -1.17 -11.80
N GLU A 88 -10.45 -1.79 -11.53
CA GLU A 88 -10.38 -2.94 -10.63
C GLU A 88 -9.26 -2.81 -9.60
N PRO A 89 -9.42 -1.91 -8.61
CA PRO A 89 -8.28 -1.66 -7.72
C PRO A 89 -7.95 -2.84 -6.81
N ALA A 90 -8.94 -3.60 -6.34
CA ALA A 90 -8.61 -4.74 -5.48
C ALA A 90 -7.83 -5.79 -6.27
N ARG A 91 -8.28 -6.09 -7.48
CA ARG A 91 -7.60 -7.09 -8.30
C ARG A 91 -6.19 -6.63 -8.64
N ASP A 92 -6.04 -5.34 -8.97
CA ASP A 92 -4.74 -4.75 -9.25
C ASP A 92 -3.81 -4.94 -8.05
N ALA A 93 -4.31 -4.62 -6.86
CA ALA A 93 -3.48 -4.72 -5.66
C ALA A 93 -3.15 -6.16 -5.29
N LYS A 94 -4.01 -7.11 -5.66
CA LYS A 94 -3.70 -8.53 -5.44
C LYS A 94 -2.43 -8.92 -6.18
N THR A 95 -2.29 -8.48 -7.42
CA THR A 95 -1.08 -8.79 -8.15
C THR A 95 0.06 -7.89 -7.69
N ASN A 96 -0.20 -6.59 -7.64
CA ASN A 96 0.85 -5.61 -7.42
C ASN A 96 1.40 -5.53 -6.00
N ILE A 97 0.55 -5.75 -5.00
CA ILE A 97 1.03 -5.72 -3.62
C ILE A 97 1.17 -7.13 -3.06
N ILE A 98 0.08 -7.87 -3.05
CA ILE A 98 0.08 -9.23 -2.46
C ILE A 98 1.03 -10.14 -3.22
N GLY A 99 1.01 -10.07 -4.55
CA GLY A 99 1.95 -10.81 -5.35
C GLY A 99 3.39 -10.54 -4.96
N SER A 100 3.72 -9.26 -4.81
CA SER A 100 5.06 -8.87 -4.40
C SER A 100 5.44 -9.43 -3.03
N LEU A 101 4.50 -9.34 -2.08
CA LEU A 101 4.74 -9.81 -0.71
C LEU A 101 4.96 -11.33 -0.65
N VAL A 102 4.24 -12.10 -1.48
CA VAL A 102 4.48 -13.54 -1.54
C VAL A 102 5.92 -13.81 -1.99
N LEU A 103 6.34 -13.12 -3.05
CA LEU A 103 7.68 -13.31 -3.60
C LEU A 103 8.74 -12.91 -2.57
N LEU A 104 8.46 -11.85 -1.82
CA LEU A 104 9.38 -11.37 -0.80
C LEU A 104 9.47 -12.34 0.38
N GLU A 105 8.35 -12.94 0.76
CA GLU A 105 8.36 -13.97 1.81
C GLU A 105 9.21 -15.15 1.40
N LYS A 106 9.04 -15.62 0.17
CA LYS A 106 9.83 -16.75 -0.32
C LYS A 106 11.29 -16.37 -0.47
N SER A 107 11.54 -15.13 -0.89
CA SER A 107 12.92 -14.65 -1.06
C SER A 107 13.71 -14.70 0.24
N ILE A 108 13.07 -14.30 1.35
CA ILE A 108 13.67 -14.38 2.68
C ILE A 108 13.90 -15.83 3.07
N LYS A 109 12.87 -16.65 2.87
CA LYS A 109 12.92 -18.05 3.30
C LYS A 109 14.01 -18.82 2.55
N TYR A 110 14.22 -18.51 1.28
CA TYR A 110 15.11 -19.32 0.45
C TYR A 110 16.40 -18.60 0.06
N GLY A 111 16.70 -17.54 0.77
CA GLY A 111 18.03 -16.96 0.73
C GLY A 111 18.38 -16.19 -0.53
N VAL A 112 17.38 -15.55 -1.14
CA VAL A 112 17.65 -14.63 -2.23
C VAL A 112 18.67 -13.58 -1.75
N LYS A 113 19.67 -13.30 -2.59
CA LYS A 113 20.67 -12.29 -2.26
C LYS A 113 20.17 -10.87 -2.54
N LYS A 114 19.47 -10.68 -3.66
CA LYS A 114 19.00 -9.34 -4.00
C LYS A 114 17.73 -9.34 -4.86
N PHE A 115 16.81 -8.43 -4.54
CA PHE A 115 15.51 -8.32 -5.17
C PHE A 115 15.46 -7.01 -5.96
N ILE A 116 15.31 -7.09 -7.27
CA ILE A 116 15.35 -5.90 -8.12
C ILE A 116 13.94 -5.62 -8.65
N PHE A 117 13.33 -4.56 -8.14
CA PHE A 117 11.91 -4.32 -8.35
C PHE A 117 11.63 -3.27 -9.43
N SER A 118 10.74 -3.60 -10.37
CA SER A 118 10.31 -2.62 -11.38
C SER A 118 9.19 -1.74 -10.81
N SER A 119 9.48 -0.45 -10.63
CA SER A 119 8.49 0.49 -10.09
C SER A 119 8.20 1.56 -11.16
N THR A 120 7.60 2.66 -10.75
CA THR A 120 7.17 3.65 -11.72
C THR A 120 7.53 5.07 -11.28
N GLY A 121 7.99 5.88 -12.22
CA GLY A 121 8.26 7.28 -11.91
C GLY A 121 7.01 8.13 -12.11
N GLY A 122 6.35 7.94 -13.26
CA GLY A 122 5.20 8.75 -13.63
C GLY A 122 4.00 8.68 -12.70
N ALA A 123 3.72 7.50 -12.15
CA ALA A 123 2.53 7.31 -11.33
C ALA A 123 2.82 7.48 -9.83
N ILE A 124 4.06 7.80 -9.51
CA ILE A 124 4.45 7.87 -8.12
C ILE A 124 4.61 9.30 -7.58
N TYR A 125 5.19 10.19 -8.39
CA TYR A 125 5.46 11.54 -7.91
C TYR A 125 4.20 12.39 -7.77
N GLY A 126 3.14 12.01 -8.49
CA GLY A 126 1.87 12.69 -8.33
C GLY A 126 1.65 13.82 -9.32
N GLU A 127 0.66 14.66 -9.03
CA GLU A 127 0.21 15.65 -10.01
C GLU A 127 0.65 17.09 -9.73
N ASN A 128 1.36 17.30 -8.62
CA ASN A 128 1.77 18.65 -8.24
C ASN A 128 3.27 18.84 -8.08
N VAL A 129 4.04 18.16 -8.92
CA VAL A 129 5.49 18.26 -8.90
C VAL A 129 5.95 19.66 -9.35
N LYS A 130 6.93 20.23 -8.66
CA LYS A 130 7.46 21.53 -9.09
C LYS A 130 8.90 21.47 -9.58
N VAL A 131 9.64 20.42 -9.20
CA VAL A 131 11.02 20.28 -9.67
C VAL A 131 11.10 19.35 -10.89
N PHE A 132 11.59 19.88 -12.02
CA PHE A 132 11.83 19.09 -13.23
C PHE A 132 13.23 19.35 -13.77
N PRO A 133 13.94 18.30 -14.22
CA PRO A 133 13.64 16.87 -14.09
C PRO A 133 13.50 16.48 -12.61
N THR A 134 12.66 15.51 -12.31
CA THR A 134 12.28 15.24 -10.93
C THR A 134 13.23 14.24 -10.27
N PRO A 135 13.82 14.62 -9.12
CA PRO A 135 14.75 13.74 -8.42
C PRO A 135 14.03 12.80 -7.45
N GLU A 136 14.73 11.75 -6.99
CA GLU A 136 14.14 10.79 -6.07
C GLU A 136 13.88 11.36 -4.68
N THR A 137 14.36 12.57 -4.43
CA THR A 137 14.13 13.18 -3.14
C THR A 137 12.74 13.82 -3.06
N GLU A 138 12.04 13.91 -4.18
CA GLU A 138 10.66 14.41 -4.17
C GLU A 138 9.75 13.39 -3.49
N ILE A 139 8.92 13.85 -2.56
CA ILE A 139 8.06 12.96 -1.77
C ILE A 139 6.92 12.39 -2.63
N PRO A 140 6.69 11.08 -2.56
CA PRO A 140 5.68 10.49 -3.45
C PRO A 140 4.26 10.86 -3.06
N HIS A 141 3.42 11.15 -4.04
CA HIS A 141 1.99 11.37 -3.82
C HIS A 141 1.17 10.68 -4.91
N PRO A 142 1.19 9.33 -4.96
CA PRO A 142 0.48 8.67 -6.06
C PRO A 142 -1.02 8.86 -5.94
N ILE A 143 -1.70 8.94 -7.08
CA ILE A 143 -3.14 9.20 -7.14
C ILE A 143 -3.92 8.03 -7.78
N SER A 144 -3.23 7.17 -8.53
CA SER A 144 -3.88 6.02 -9.16
C SER A 144 -3.65 4.77 -8.31
N PRO A 145 -4.54 3.77 -8.45
CA PRO A 145 -4.31 2.54 -7.67
C PRO A 145 -2.98 1.91 -8.04
N TYR A 146 -2.65 1.92 -9.33
CA TYR A 146 -1.35 1.41 -9.78
C TYR A 146 -0.20 2.11 -9.07
N GLY A 147 -0.21 3.44 -9.04
CA GLY A 147 0.85 4.18 -8.38
C GLY A 147 0.92 3.93 -6.87
N ILE A 148 -0.24 3.90 -6.22
CA ILE A 148 -0.30 3.56 -4.79
C ILE A 148 0.23 2.14 -4.53
N ALA A 149 -0.15 1.17 -5.36
CA ALA A 149 0.35 -0.20 -5.18
C ALA A 149 1.87 -0.29 -5.35
N LYS A 150 2.41 0.37 -6.38
CA LYS A 150 3.86 0.38 -6.57
C LYS A 150 4.56 1.00 -5.36
N TYR A 151 4.02 2.12 -4.88
CA TYR A 151 4.64 2.81 -3.75
C TYR A 151 4.55 1.95 -2.48
N SER A 152 3.39 1.34 -2.25
CA SER A 152 3.24 0.45 -1.09
C SER A 152 4.28 -0.65 -1.11
N THR A 153 4.51 -1.21 -2.30
CA THR A 153 5.49 -2.29 -2.42
C THR A 153 6.92 -1.79 -2.17
N GLU A 154 7.23 -0.57 -2.62
CA GLU A 154 8.56 -0.01 -2.29
C GLU A 154 8.74 0.11 -0.78
N MET A 155 7.68 0.52 -0.07
CA MET A 155 7.80 0.60 1.40
C MET A 155 8.01 -0.77 2.05
N TYR A 156 7.34 -1.79 1.52
CA TYR A 156 7.53 -3.14 2.02
C TYR A 156 8.94 -3.62 1.77
N LEU A 157 9.54 -3.20 0.66
CA LEU A 157 10.94 -3.57 0.40
C LEU A 157 11.85 -3.08 1.49
N GLU A 158 11.63 -1.84 1.94
CA GLU A 158 12.46 -1.27 3.00
C GLU A 158 12.26 -2.07 4.28
N PHE A 159 11.03 -2.52 4.51
CA PHE A 159 10.77 -3.38 5.66
C PHE A 159 11.57 -4.68 5.60
N PHE A 160 11.54 -5.33 4.45
CA PHE A 160 12.25 -6.61 4.32
C PHE A 160 13.75 -6.42 4.48
N ALA A 161 14.28 -5.30 3.97
CA ALA A 161 15.70 -5.00 4.16
C ALA A 161 16.04 -4.81 5.64
N ARG A 162 15.23 -4.03 6.35
CA ARG A 162 15.47 -3.75 7.76
C ARG A 162 15.35 -4.99 8.62
N GLU A 163 14.26 -5.75 8.42
CA GLU A 163 13.96 -6.89 9.26
C GLU A 163 14.83 -8.10 8.99
N TYR A 164 15.13 -8.38 7.73
CA TYR A 164 15.79 -9.64 7.37
C TYR A 164 17.13 -9.48 6.66
N GLY A 165 17.47 -8.25 6.27
CA GLY A 165 18.75 -8.02 5.61
C GLY A 165 18.73 -8.28 4.12
N LEU A 166 17.54 -8.40 3.55
CA LEU A 166 17.43 -8.57 2.10
C LEU A 166 17.92 -7.31 1.41
N LYS A 167 18.78 -7.46 0.41
CA LYS A 167 19.18 -6.30 -0.39
C LYS A 167 18.17 -6.13 -1.51
N TYR A 168 17.91 -4.88 -1.90
CA TYR A 168 17.00 -4.58 -2.99
C TYR A 168 17.44 -3.34 -3.76
N THR A 169 16.91 -3.20 -4.97
CA THR A 169 17.04 -1.96 -5.72
C THR A 169 15.67 -1.72 -6.34
N VAL A 170 15.18 -0.50 -6.23
CA VAL A 170 13.94 -0.11 -6.90
C VAL A 170 14.28 0.71 -8.13
N LEU A 171 13.76 0.29 -9.30
CA LEU A 171 13.93 1.07 -10.52
C LEU A 171 12.60 1.70 -10.93
N ARG A 172 12.49 3.01 -10.77
CA ARG A 172 11.27 3.73 -11.17
C ARG A 172 11.38 4.14 -12.64
N TYR A 173 10.75 3.39 -13.54
CA TYR A 173 10.87 3.68 -14.98
C TYR A 173 10.04 4.89 -15.37
N ALA A 174 10.50 5.61 -16.39
CA ALA A 174 9.72 6.66 -17.03
C ALA A 174 8.77 5.97 -18.02
N ASN A 175 8.54 6.56 -19.19
CA ASN A 175 7.69 5.88 -20.18
C ASN A 175 8.49 4.96 -21.09
N VAL A 176 8.41 3.65 -20.89
CA VAL A 176 9.25 2.70 -21.62
C VAL A 176 8.59 2.31 -22.93
N TYR A 177 9.37 2.24 -24.00
CA TYR A 177 8.82 1.93 -25.32
C TYR A 177 9.82 1.07 -26.06
N GLY A 178 9.36 0.40 -27.11
CA GLY A 178 10.25 -0.35 -27.99
C GLY A 178 9.62 -1.64 -28.46
N PRO A 179 10.40 -2.47 -29.15
CA PRO A 179 9.94 -3.75 -29.71
C PRO A 179 9.30 -4.63 -28.64
N ARG A 180 8.20 -5.29 -29.02
CA ARG A 180 7.39 -6.16 -28.17
C ARG A 180 6.38 -5.44 -27.27
N GLN A 181 6.36 -4.11 -27.30
CA GLN A 181 5.35 -3.41 -26.55
C GLN A 181 4.03 -3.64 -27.27
N ASP A 182 2.99 -4.02 -26.53
CA ASP A 182 1.75 -4.44 -27.15
C ASP A 182 0.95 -3.21 -27.57
N PRO A 183 0.65 -3.07 -28.89
CA PRO A 183 -0.10 -1.92 -29.40
C PRO A 183 -1.60 -2.11 -29.20
N TYR A 184 -1.96 -3.32 -28.77
CA TYR A 184 -3.35 -3.68 -28.57
C TYR A 184 -3.68 -3.70 -27.08
N GLY A 185 -4.95 -3.48 -26.76
CA GLY A 185 -5.39 -3.44 -25.38
C GLY A 185 -5.02 -2.15 -24.68
N GLU A 186 -4.32 -2.27 -23.56
CA GLU A 186 -3.97 -1.12 -22.74
C GLU A 186 -2.54 -0.70 -23.00
N ALA A 187 -2.34 -0.07 -24.15
CA ALA A 187 -1.04 0.12 -24.76
C ALA A 187 -0.41 1.49 -24.47
N GLY A 188 0.92 1.55 -24.55
CA GLY A 188 1.61 2.81 -24.52
C GLY A 188 1.44 3.52 -25.86
N VAL A 189 1.45 4.85 -25.80
CA VAL A 189 1.23 5.69 -26.97
C VAL A 189 2.23 5.44 -28.13
N VAL A 190 3.46 5.05 -27.82
CA VAL A 190 4.42 4.80 -28.91
C VAL A 190 3.94 3.65 -29.78
N ALA A 191 3.53 2.56 -29.14
CA ALA A 191 3.04 1.39 -29.83
C ALA A 191 1.73 1.65 -30.56
N ILE A 192 0.85 2.41 -29.93
CA ILE A 192 -0.42 2.75 -30.55
C ILE A 192 -0.17 3.61 -31.80
N PHE A 193 0.56 4.71 -31.66
CA PHE A 193 0.85 5.57 -32.81
C PHE A 193 1.54 4.82 -33.96
N THR A 194 2.56 4.03 -33.63
CA THR A 194 3.34 3.33 -34.65
C THR A 194 2.47 2.36 -35.46
N GLU A 195 1.71 1.54 -34.74
CA GLU A 195 0.84 0.56 -35.37
C GLU A 195 -0.26 1.21 -36.25
N ARG A 196 -0.94 2.22 -35.72
CA ARG A 196 -1.98 2.92 -36.49
C ARG A 196 -1.41 3.60 -37.73
N MET A 197 -0.28 4.28 -37.58
CA MET A 197 0.34 4.98 -38.69
C MET A 197 0.77 4.02 -39.80
N LEU A 198 1.40 2.91 -39.43
CA LEU A 198 1.83 1.92 -40.42
C LEU A 198 0.63 1.34 -41.19
N ARG A 199 -0.50 1.21 -40.50
CA ARG A 199 -1.73 0.70 -41.12
C ARG A 199 -2.56 1.81 -41.78
N GLY A 200 -2.05 3.04 -41.75
CA GLY A 200 -2.78 4.18 -42.29
C GLY A 200 -4.12 4.43 -41.63
N GLU A 201 -4.22 4.10 -40.35
CA GLU A 201 -5.47 4.30 -39.63
C GLU A 201 -5.48 5.66 -38.94
N GLU A 202 -6.63 6.02 -38.42
CA GLU A 202 -6.80 7.25 -37.67
C GLU A 202 -5.96 7.24 -36.39
N VAL A 203 -5.35 8.37 -36.06
CA VAL A 203 -4.57 8.50 -34.82
C VAL A 203 -5.26 9.54 -33.93
N HIS A 204 -5.45 9.20 -32.66
CA HIS A 204 -6.09 10.11 -31.71
C HIS A 204 -5.12 10.74 -30.71
N ILE A 205 -5.25 12.05 -30.49
CA ILE A 205 -4.52 12.72 -29.42
C ILE A 205 -5.51 13.27 -28.39
N PHE A 206 -5.29 12.95 -27.12
CA PHE A 206 -6.23 13.28 -26.05
C PHE A 206 -5.97 14.67 -25.49
N GLY A 207 -7.01 15.48 -25.33
CA GLY A 207 -6.84 16.85 -24.88
C GLY A 207 -6.07 17.68 -25.90
N ASP A 208 -5.20 18.56 -25.41
CA ASP A 208 -4.46 19.46 -26.30
C ASP A 208 -3.15 18.88 -26.82
N GLY A 209 -2.81 17.66 -26.38
CA GLY A 209 -1.58 17.02 -26.81
C GLY A 209 -0.31 17.59 -26.19
N GLU A 210 -0.45 18.47 -25.21
CA GLU A 210 0.74 19.12 -24.62
C GLU A 210 1.27 18.38 -23.41
N TYR A 211 0.71 17.20 -23.14
CA TYR A 211 1.20 16.36 -22.05
C TYR A 211 2.64 15.96 -22.32
N VAL A 212 3.50 16.19 -21.34
CA VAL A 212 4.92 15.93 -21.48
C VAL A 212 5.25 14.61 -20.80
N ARG A 213 6.01 13.75 -21.47
CA ARG A 213 6.48 12.50 -20.88
C ARG A 213 7.95 12.30 -21.18
N ASP A 214 8.57 11.35 -20.47
CA ASP A 214 10.00 11.05 -20.61
C ASP A 214 10.06 9.65 -21.22
N TYR A 215 10.35 9.57 -22.52
CA TYR A 215 10.37 8.29 -23.24
C TYR A 215 11.75 7.64 -23.21
N VAL A 216 11.81 6.48 -22.55
CA VAL A 216 13.08 5.74 -22.41
C VAL A 216 13.00 4.39 -23.14
N TYR A 217 14.04 4.07 -23.91
CA TYR A 217 14.03 2.87 -24.77
C TYR A 217 14.24 1.58 -23.97
N VAL A 218 13.54 0.52 -24.37
CA VAL A 218 13.52 -0.71 -23.55
C VAL A 218 14.91 -1.30 -23.31
N ASP A 219 15.79 -1.24 -24.31
CA ASP A 219 17.14 -1.77 -24.15
C ASP A 219 17.91 -1.06 -23.04
N ASP A 220 17.66 0.23 -22.86
CA ASP A 220 18.35 0.97 -21.80
C ASP A 220 17.82 0.56 -20.43
N VAL A 221 16.52 0.30 -20.35
CA VAL A 221 15.88 -0.16 -19.11
C VAL A 221 16.43 -1.53 -18.72
N VAL A 222 16.59 -2.42 -19.70
CA VAL A 222 17.22 -3.71 -19.44
C VAL A 222 18.63 -3.55 -18.85
N ARG A 223 19.43 -2.66 -19.44
CA ARG A 223 20.78 -2.43 -18.91
C ARG A 223 20.74 -1.93 -17.47
N ALA A 224 19.78 -1.06 -17.16
CA ALA A 224 19.60 -0.60 -15.79
C ALA A 224 19.37 -1.79 -14.84
N ASN A 225 18.51 -2.72 -15.24
CA ASN A 225 18.27 -3.92 -14.43
C ASN A 225 19.55 -4.70 -14.14
N LEU A 226 20.38 -4.89 -15.16
CA LEU A 226 21.58 -5.69 -14.97
C LEU A 226 22.62 -4.99 -14.10
N LEU A 227 22.75 -3.67 -14.26
CA LEU A 227 23.67 -2.89 -13.44
C LEU A 227 23.28 -2.94 -11.96
N ALA A 228 21.99 -3.14 -11.71
CA ALA A 228 21.48 -3.18 -10.36
C ALA A 228 21.79 -4.49 -9.64
N MET A 229 22.38 -5.45 -10.33
CA MET A 229 22.75 -6.69 -9.64
C MET A 229 23.85 -6.44 -8.60
N GLU A 230 24.91 -5.74 -9.00
CA GLU A 230 26.05 -5.54 -8.09
C GLU A 230 26.18 -4.12 -7.54
N LYS A 231 25.34 -3.20 -8.00
CA LYS A 231 25.39 -1.83 -7.50
C LYS A 231 24.03 -1.33 -7.05
N GLY A 232 24.03 -0.25 -6.28
CA GLY A 232 22.79 0.39 -5.85
C GLY A 232 22.03 -0.37 -4.79
N ASP A 233 22.73 -1.01 -3.86
CA ASP A 233 22.06 -1.75 -2.79
C ASP A 233 21.18 -0.84 -1.94
N ASN A 234 19.94 -1.27 -1.73
CA ASN A 234 18.96 -0.57 -0.89
C ASN A 234 18.71 0.88 -1.32
N GLU A 235 18.66 1.09 -2.63
CA GLU A 235 18.43 2.42 -3.18
C GLU A 235 17.29 2.42 -4.18
N VAL A 236 16.63 3.57 -4.31
CA VAL A 236 15.58 3.80 -5.30
C VAL A 236 16.15 4.68 -6.41
N PHE A 237 16.02 4.25 -7.67
CA PHE A 237 16.49 5.07 -8.80
C PHE A 237 15.43 5.35 -9.85
N ASN A 238 15.34 6.62 -10.26
CA ASN A 238 14.67 6.97 -11.51
C ASN A 238 15.44 6.39 -12.67
N ILE A 239 14.74 5.72 -13.59
CA ILE A 239 15.34 5.29 -14.84
C ILE A 239 14.59 5.96 -16.01
N GLY A 240 15.13 7.08 -16.48
CA GLY A 240 14.52 7.84 -17.55
C GLY A 240 15.61 8.64 -18.26
N THR A 241 15.22 9.50 -19.19
CA THR A 241 16.21 10.22 -20.00
C THR A 241 16.38 11.68 -19.60
N GLY A 242 15.45 12.21 -18.80
CA GLY A 242 15.52 13.60 -18.37
C GLY A 242 15.16 14.58 -19.48
N ARG A 243 14.59 14.04 -20.56
CA ARG A 243 14.15 14.85 -21.68
C ARG A 243 12.64 14.71 -21.82
N GLY A 244 11.92 15.84 -21.84
CA GLY A 244 10.47 15.81 -22.00
C GLY A 244 10.01 15.98 -23.44
N THR A 245 8.98 15.24 -23.82
CA THR A 245 8.42 15.27 -25.17
C THR A 245 6.90 15.34 -25.04
N THR A 246 6.27 16.30 -25.72
CA THR A 246 4.80 16.38 -25.71
C THR A 246 4.24 15.32 -26.66
N VAL A 247 2.97 14.96 -26.48
CA VAL A 247 2.35 14.00 -27.37
C VAL A 247 2.35 14.55 -28.81
N ASN A 248 2.11 15.85 -28.95
CA ASN A 248 2.21 16.50 -30.25
C ASN A 248 3.57 16.33 -30.92
N GLN A 249 4.65 16.49 -30.15
CA GLN A 249 6.01 16.29 -30.70
C GLN A 249 6.23 14.84 -31.09
N LEU A 250 5.71 13.92 -30.27
CA LEU A 250 5.87 12.50 -30.52
C LEU A 250 5.17 12.07 -31.82
N PHE A 251 3.94 12.55 -31.99
CA PHE A 251 3.19 12.28 -33.22
C PHE A 251 3.98 12.74 -34.43
N LYS A 252 4.54 13.95 -34.33
CA LYS A 252 5.32 14.52 -35.42
C LYS A 252 6.55 13.67 -35.79
N LEU A 253 7.29 13.22 -34.78
CA LEU A 253 8.45 12.35 -34.99
C LEU A 253 8.06 11.05 -35.68
N LEU A 254 7.02 10.40 -35.17
CA LEU A 254 6.57 9.13 -35.74
C LEU A 254 5.96 9.30 -37.13
N LYS A 255 5.26 10.41 -37.35
CA LYS A 255 4.70 10.69 -38.68
C LYS A 255 5.81 10.76 -39.73
N GLU A 256 6.87 11.49 -39.41
CA GLU A 256 8.04 11.62 -40.31
C GLU A 256 8.71 10.27 -40.56
N ILE A 257 8.90 9.48 -39.50
CA ILE A 257 9.52 8.17 -39.65
C ILE A 257 8.68 7.18 -40.47
N THR A 258 7.39 7.14 -40.20
CA THR A 258 6.48 6.20 -40.87
C THR A 258 6.04 6.66 -42.26
N GLY A 259 6.06 7.96 -42.51
CA GLY A 259 5.58 8.48 -43.78
C GLY A 259 4.06 8.61 -43.81
N TYR A 260 3.48 8.69 -42.61
CA TYR A 260 2.04 8.86 -42.42
C TYR A 260 1.63 10.22 -42.97
N ASP A 261 0.47 10.31 -43.60
CA ASP A 261 0.09 11.58 -44.23
C ASP A 261 -1.31 12.07 -43.84
N LYS A 262 -1.68 11.86 -42.59
CA LYS A 262 -2.94 12.38 -42.06
C LYS A 262 -2.69 13.23 -40.82
N GLU A 263 -3.61 14.14 -40.54
CA GLU A 263 -3.53 14.93 -39.32
C GLU A 263 -4.10 14.10 -38.17
N PRO A 264 -3.67 14.40 -36.93
CA PRO A 264 -4.24 13.64 -35.81
C PRO A 264 -5.65 14.15 -35.53
N VAL A 265 -6.46 13.31 -34.88
CA VAL A 265 -7.79 13.70 -34.48
C VAL A 265 -7.77 13.99 -32.99
N TYR A 266 -8.06 15.23 -32.61
CA TYR A 266 -8.02 15.58 -31.19
C TYR A 266 -9.30 15.13 -30.47
N LYS A 267 -9.12 14.46 -29.34
CA LYS A 267 -10.22 13.86 -28.61
C LYS A 267 -10.26 14.46 -27.20
N PRO A 268 -11.33 14.19 -26.42
CA PRO A 268 -11.34 14.80 -25.08
C PRO A 268 -10.14 14.35 -24.24
N PRO A 269 -9.76 15.15 -23.23
CA PRO A 269 -8.60 14.77 -22.40
C PRO A 269 -8.88 13.50 -21.62
N ARG A 270 -7.84 12.69 -21.39
CA ARG A 270 -8.01 11.41 -20.72
C ARG A 270 -7.97 11.66 -19.22
N LYS A 271 -8.98 11.14 -18.52
CA LYS A 271 -9.08 11.29 -17.09
C LYS A 271 -7.86 10.70 -16.39
N GLY A 272 -7.29 11.45 -15.45
CA GLY A 272 -6.17 10.96 -14.67
C GLY A 272 -4.79 11.29 -15.20
N ASP A 273 -4.71 11.85 -16.41
CA ASP A 273 -3.40 12.18 -17.01
C ASP A 273 -2.67 13.29 -16.23
N VAL A 274 -1.50 12.96 -15.70
CA VAL A 274 -0.59 13.95 -15.15
C VAL A 274 -0.13 14.88 -16.29
N ARG A 275 -0.01 16.19 -16.01
CA ARG A 275 0.30 17.17 -17.06
C ARG A 275 1.73 16.99 -17.59
N LYS A 276 2.67 16.76 -16.69
CA LYS A 276 4.07 16.67 -17.08
C LYS A 276 4.88 15.71 -16.22
N SER A 277 5.69 14.88 -16.87
CA SER A 277 6.54 13.94 -16.18
C SER A 277 7.91 13.89 -16.85
N ILE A 278 8.94 14.25 -16.10
CA ILE A 278 10.33 14.16 -16.60
C ILE A 278 11.21 13.72 -15.44
N LEU A 279 12.02 12.67 -15.65
CA LEU A 279 12.81 12.13 -14.55
C LEU A 279 14.28 12.55 -14.54
N ASP A 280 14.79 12.90 -13.36
CA ASP A 280 16.21 13.15 -13.17
C ASP A 280 16.93 11.83 -12.93
N TYR A 281 17.87 11.46 -13.80
CA TYR A 281 18.60 10.20 -13.64
C TYR A 281 20.02 10.36 -13.12
N THR A 282 20.33 11.52 -12.54
CA THR A 282 21.68 11.79 -12.02
C THR A 282 22.12 10.70 -11.04
N LYS A 283 21.22 10.29 -10.16
CA LYS A 283 21.54 9.30 -9.14
C LYS A 283 21.92 7.95 -9.75
N ALA A 284 21.17 7.51 -10.74
CA ALA A 284 21.48 6.27 -11.44
C ALA A 284 22.84 6.37 -12.13
N LYS A 285 23.10 7.54 -12.71
CA LYS A 285 24.38 7.80 -13.38
C LYS A 285 25.54 7.66 -12.39
N GLU A 286 25.41 8.31 -11.23
CA GLU A 286 26.46 8.28 -10.23
C GLU A 286 26.64 6.93 -9.54
N LYS A 287 25.54 6.24 -9.23
CA LYS A 287 25.64 5.01 -8.42
C LYS A 287 25.57 3.70 -9.22
N LEU A 288 24.84 3.70 -10.33
CA LEU A 288 24.77 2.50 -11.16
C LEU A 288 25.71 2.60 -12.34
N GLY A 289 26.19 3.80 -12.64
CA GLY A 289 26.94 4.01 -13.86
C GLY A 289 26.01 3.93 -15.06
N TRP A 290 24.73 4.23 -14.84
CA TRP A 290 23.74 4.10 -15.90
C TRP A 290 23.45 5.42 -16.62
N GLU A 291 23.37 5.35 -17.94
CA GLU A 291 22.86 6.46 -18.73
C GLU A 291 22.23 5.88 -19.98
N PRO A 292 21.20 6.55 -20.52
CA PRO A 292 20.58 6.03 -21.74
C PRO A 292 21.54 6.10 -22.94
N LYS A 293 21.57 5.06 -23.74
CA LYS A 293 22.46 5.02 -24.90
C LYS A 293 21.71 5.20 -26.21
N VAL A 294 20.39 5.07 -26.15
CA VAL A 294 19.56 5.16 -27.34
C VAL A 294 18.72 6.44 -27.27
N SER A 295 18.97 7.38 -28.18
CA SER A 295 18.19 8.62 -28.23
C SER A 295 16.77 8.32 -28.67
N LEU A 296 15.84 9.24 -28.42
CA LEU A 296 14.46 9.01 -28.83
C LEU A 296 14.33 8.77 -30.33
N GLU A 297 15.05 9.53 -31.13
CA GLU A 297 14.91 9.34 -32.56
C GLU A 297 15.45 8.00 -33.01
N GLU A 298 16.56 7.55 -32.47
CA GLU A 298 17.07 6.21 -32.76
C GLU A 298 16.07 5.16 -32.29
N GLY A 299 15.54 5.34 -31.08
CA GLY A 299 14.64 4.37 -30.50
C GLY A 299 13.35 4.24 -31.28
N LEU A 300 12.81 5.37 -31.72
CA LEU A 300 11.54 5.32 -32.46
C LEU A 300 11.73 4.59 -33.80
N LYS A 301 12.87 4.81 -34.44
CA LYS A 301 13.19 4.13 -35.69
C LYS A 301 13.30 2.62 -35.54
N LEU A 302 14.01 2.18 -34.51
CA LEU A 302 14.08 0.76 -34.18
C LEU A 302 12.69 0.20 -33.92
N THR A 303 11.85 0.97 -33.24
CA THR A 303 10.50 0.54 -32.89
C THR A 303 9.64 0.38 -34.15
N VAL A 304 9.65 1.40 -35.00
CA VAL A 304 8.91 1.35 -36.25
C VAL A 304 9.37 0.16 -37.09
N GLU A 305 10.68 -0.07 -37.10
CA GLU A 305 11.25 -1.20 -37.83
C GLU A 305 10.75 -2.57 -37.35
N TYR A 306 10.73 -2.79 -36.03
CA TYR A 306 10.15 -4.04 -35.49
C TYR A 306 8.70 -4.22 -35.90
N PHE A 307 7.91 -3.15 -35.77
CA PHE A 307 6.49 -3.23 -36.09
C PHE A 307 6.25 -3.52 -37.56
N ARG A 308 7.09 -2.95 -38.43
CA ARG A 308 6.99 -3.22 -39.86
C ARG A 308 7.08 -4.71 -40.16
N LYS A 309 8.01 -5.39 -39.50
CA LYS A 309 8.20 -6.83 -39.72
C LYS A 309 6.97 -7.61 -39.31
N THR A 310 6.33 -7.19 -38.22
CA THR A 310 5.08 -7.81 -37.77
C THR A 310 3.99 -7.72 -38.85
N LEU A 311 4.05 -6.68 -39.67
CA LEU A 311 3.02 -6.43 -40.67
C LEU A 311 3.30 -7.07 -42.04
N GLU A 312 4.42 -7.76 -42.16
CA GLU A 312 4.79 -8.38 -43.43
C GLU A 312 4.11 -9.73 -43.66
N MET B 4 -32.00 4.51 9.14
CA MET B 4 -30.79 4.57 8.33
C MET B 4 -29.90 3.37 8.64
N ASN B 5 -29.43 2.69 7.59
CA ASN B 5 -28.53 1.56 7.75
C ASN B 5 -27.06 2.01 7.79
N ILE B 6 -26.31 1.37 8.69
CA ILE B 6 -24.88 1.60 8.87
C ILE B 6 -24.16 0.27 8.89
N LEU B 7 -23.04 0.19 8.18
CA LEU B 7 -22.17 -0.98 8.23
C LEU B 7 -20.97 -0.70 9.11
N VAL B 8 -20.71 -1.58 10.07
CA VAL B 8 -19.52 -1.48 10.89
C VAL B 8 -18.73 -2.76 10.69
N THR B 9 -17.55 -2.65 10.09
CA THR B 9 -16.68 -3.82 10.01
C THR B 9 -15.85 -3.90 11.31
N GLY B 10 -15.51 -5.11 11.75
CA GLY B 10 -14.76 -5.29 12.97
C GLY B 10 -15.61 -5.06 14.20
N GLY B 11 -16.92 -5.17 14.02
CA GLY B 11 -17.88 -4.85 15.08
C GLY B 11 -17.93 -5.85 16.22
N ALA B 12 -17.19 -6.96 16.11
CA ALA B 12 -17.07 -7.87 17.25
C ALA B 12 -15.78 -7.60 18.02
N GLY B 13 -15.03 -6.57 17.61
CA GLY B 13 -13.73 -6.33 18.21
C GLY B 13 -13.83 -5.33 19.35
N PHE B 14 -12.67 -4.95 19.89
CA PHE B 14 -12.58 -4.05 21.03
C PHE B 14 -13.26 -2.70 20.75
N ILE B 15 -12.70 -1.93 19.81
CA ILE B 15 -13.24 -0.60 19.54
C ILE B 15 -14.57 -0.67 18.80
N GLY B 16 -14.63 -1.52 17.78
CA GLY B 16 -15.81 -1.64 16.95
C GLY B 16 -17.08 -2.00 17.70
N SER B 17 -16.98 -2.88 18.70
CA SER B 17 -18.17 -3.25 19.46
C SER B 17 -18.77 -2.03 20.19
N HIS B 18 -17.91 -1.14 20.68
CA HIS B 18 -18.39 0.10 21.32
C HIS B 18 -19.00 1.07 20.31
N VAL B 19 -18.44 1.13 19.11
CA VAL B 19 -19.02 1.96 18.06
C VAL B 19 -20.43 1.45 17.70
N VAL B 20 -20.57 0.14 17.57
CA VAL B 20 -21.88 -0.46 17.31
C VAL B 20 -22.87 -0.07 18.41
N ASP B 21 -22.48 -0.30 19.67
CA ASP B 21 -23.34 0.06 20.81
C ASP B 21 -23.86 1.50 20.70
N LYS B 22 -22.95 2.42 20.40
CA LYS B 22 -23.31 3.84 20.38
C LYS B 22 -24.26 4.16 19.24
N LEU B 23 -24.03 3.53 18.09
CA LEU B 23 -24.92 3.72 16.95
C LEU B 23 -26.33 3.16 17.25
N ILE B 24 -26.39 1.96 17.80
CA ILE B 24 -27.67 1.34 18.18
C ILE B 24 -28.44 2.24 19.16
N GLU B 25 -27.72 2.75 20.15
CA GLU B 25 -28.26 3.66 21.16
C GLU B 25 -28.84 4.92 20.50
N ASN B 26 -28.18 5.39 19.45
CA ASN B 26 -28.66 6.58 18.75
C ASN B 26 -29.73 6.27 17.71
N GLY B 27 -30.17 5.02 17.65
CA GLY B 27 -31.32 4.67 16.83
C GLY B 27 -31.05 4.26 15.39
N TYR B 28 -29.79 4.02 15.06
CA TYR B 28 -29.45 3.52 13.74
C TYR B 28 -29.66 2.02 13.63
N GLY B 29 -29.94 1.56 12.41
CA GLY B 29 -29.91 0.15 12.09
C GLY B 29 -28.47 -0.19 11.79
N VAL B 30 -27.93 -1.23 12.43
CA VAL B 30 -26.51 -1.53 12.27
C VAL B 30 -26.27 -2.93 11.72
N ILE B 31 -25.49 -3.00 10.64
CA ILE B 31 -25.05 -4.28 10.10
C ILE B 31 -23.59 -4.47 10.49
N VAL B 32 -23.25 -5.63 11.06
CA VAL B 32 -21.86 -5.90 11.45
C VAL B 32 -21.25 -7.00 10.58
N VAL B 33 -20.05 -6.74 10.07
CA VAL B 33 -19.27 -7.77 9.39
C VAL B 33 -18.02 -8.01 10.22
N ASP B 34 -17.83 -9.25 10.66
CA ASP B 34 -16.65 -9.59 11.43
C ASP B 34 -16.38 -11.09 11.29
N ASN B 35 -15.14 -11.47 11.02
CA ASN B 35 -14.85 -12.90 10.84
C ASN B 35 -14.41 -13.61 12.11
N LEU B 36 -14.44 -12.87 13.23
CA LEU B 36 -14.05 -13.39 14.56
C LEU B 36 -12.62 -13.93 14.59
N SER B 37 -11.74 -13.38 13.76
CA SER B 37 -10.33 -13.76 13.81
C SER B 37 -9.67 -13.24 15.09
N SER B 38 -10.09 -12.07 15.57
CA SER B 38 -9.62 -11.56 16.85
C SER B 38 -10.78 -11.03 17.70
N GLY B 39 -11.96 -10.93 17.10
CA GLY B 39 -13.14 -10.48 17.83
C GLY B 39 -13.81 -11.63 18.57
N LYS B 40 -14.88 -11.32 19.30
CA LYS B 40 -15.54 -12.32 20.14
C LYS B 40 -17.05 -12.19 20.05
N VAL B 41 -17.77 -13.32 20.00
CA VAL B 41 -19.22 -13.25 19.96
C VAL B 41 -19.77 -12.50 21.18
N GLU B 42 -19.09 -12.60 22.32
CA GLU B 42 -19.60 -11.94 23.53
C GLU B 42 -19.60 -10.41 23.40
N ASN B 43 -18.79 -9.89 22.48
CA ASN B 43 -18.75 -8.44 22.23
C ASN B 43 -19.89 -7.93 21.37
N LEU B 44 -20.57 -8.82 20.65
CA LEU B 44 -21.58 -8.43 19.68
C LEU B 44 -22.84 -7.85 20.30
N ASN B 45 -23.30 -6.73 19.77
CA ASN B 45 -24.59 -6.19 20.18
C ASN B 45 -25.69 -7.00 19.50
N ARG B 46 -26.56 -7.60 20.27
CA ARG B 46 -27.59 -8.45 19.73
C ARG B 46 -28.64 -7.76 18.89
N ASN B 47 -28.68 -6.45 18.95
CA ASN B 47 -29.61 -5.65 18.14
C ASN B 47 -29.08 -5.36 16.73
N ALA B 48 -27.81 -5.65 16.50
CA ALA B 48 -27.21 -5.47 15.17
C ALA B 48 -27.43 -6.71 14.36
N LEU B 49 -27.48 -6.57 13.03
CA LEU B 49 -27.54 -7.73 12.16
C LEU B 49 -26.11 -8.19 11.89
N PHE B 50 -25.78 -9.42 12.26
CA PHE B 50 -24.40 -9.90 12.20
C PHE B 50 -24.09 -10.89 11.05
N TYR B 51 -23.15 -10.52 10.18
CA TYR B 51 -22.61 -11.48 9.19
C TYR B 51 -21.24 -11.94 9.59
N GLU B 52 -21.07 -13.24 9.84
CA GLU B 52 -19.75 -13.75 10.18
C GLU B 52 -19.02 -14.03 8.88
N GLN B 53 -18.42 -12.97 8.32
CA GLN B 53 -17.88 -13.03 6.97
C GLN B 53 -16.62 -12.20 6.93
N SER B 54 -15.83 -12.42 5.89
CA SER B 54 -14.58 -11.70 5.73
C SER B 54 -14.73 -10.52 4.74
N ILE B 55 -14.15 -9.38 5.12
CA ILE B 55 -14.26 -8.17 4.30
C ILE B 55 -13.64 -8.32 2.92
N GLU B 56 -12.66 -9.21 2.77
CA GLU B 56 -11.99 -9.38 1.47
C GLU B 56 -12.75 -10.33 0.53
N ASP B 57 -13.89 -10.85 1.00
CA ASP B 57 -14.75 -11.72 0.17
C ASP B 57 -15.66 -10.90 -0.77
N GLU B 58 -15.25 -10.72 -2.02
CA GLU B 58 -15.99 -9.83 -2.94
C GLU B 58 -17.43 -10.26 -3.12
N GLU B 59 -17.65 -11.54 -3.38
CA GLU B 59 -19.03 -12.01 -3.60
C GLU B 59 -19.89 -11.77 -2.38
N MET B 60 -19.35 -12.03 -1.19
CA MET B 60 -20.16 -11.83 0.01
C MET B 60 -20.40 -10.34 0.28
N MET B 61 -19.37 -9.51 0.14
CA MET B 61 -19.59 -8.06 0.35
C MET B 61 -20.57 -7.49 -0.70
N GLU B 62 -20.53 -8.00 -1.92
CA GLU B 62 -21.53 -7.63 -2.93
C GLU B 62 -22.95 -7.82 -2.40
N ARG B 63 -23.22 -9.01 -1.86
CA ARG B 63 -24.56 -9.31 -1.37
C ARG B 63 -24.97 -8.37 -0.25
N ILE B 64 -24.06 -8.17 0.70
CA ILE B 64 -24.35 -7.33 1.87
C ILE B 64 -24.64 -5.88 1.47
N PHE B 65 -23.78 -5.29 0.65
CA PHE B 65 -24.00 -3.91 0.26
C PHE B 65 -25.25 -3.79 -0.61
N SER B 66 -25.45 -4.75 -1.52
CA SER B 66 -26.60 -4.71 -2.40
C SER B 66 -27.93 -4.78 -1.65
N LEU B 67 -27.98 -5.64 -0.63
CA LEU B 67 -29.19 -5.80 0.17
C LEU B 67 -29.46 -4.58 1.04
N HIS B 68 -28.44 -4.16 1.79
CA HIS B 68 -28.68 -3.18 2.85
C HIS B 68 -28.38 -1.72 2.51
N ARG B 69 -27.66 -1.48 1.41
CA ARG B 69 -27.29 -0.13 0.98
C ARG B 69 -26.90 0.79 2.12
N PRO B 70 -25.85 0.42 2.89
CA PRO B 70 -25.53 1.27 4.04
C PRO B 70 -25.16 2.69 3.62
N GLU B 71 -25.59 3.67 4.42
CA GLU B 71 -25.28 5.07 4.10
C GLU B 71 -23.89 5.46 4.59
N TYR B 72 -23.44 4.83 5.67
CA TYR B 72 -22.12 5.07 6.22
C TYR B 72 -21.42 3.74 6.44
N VAL B 73 -20.10 3.74 6.28
CA VAL B 73 -19.31 2.56 6.63
C VAL B 73 -18.30 2.98 7.69
N PHE B 74 -18.31 2.29 8.82
CA PHE B 74 -17.25 2.45 9.81
C PHE B 74 -16.33 1.25 9.66
N HIS B 75 -15.12 1.50 9.18
CA HIS B 75 -14.23 0.38 8.85
C HIS B 75 -13.18 0.18 9.95
N LEU B 76 -13.45 -0.77 10.83
CA LEU B 76 -12.55 -1.06 11.96
C LEU B 76 -11.89 -2.42 11.85
N ALA B 77 -12.36 -3.24 10.92
CA ALA B 77 -11.81 -4.59 10.75
C ALA B 77 -10.34 -4.50 10.31
N ALA B 78 -9.47 -5.20 11.03
CA ALA B 78 -8.06 -5.20 10.70
C ALA B 78 -7.38 -6.38 11.33
N GLN B 79 -6.28 -6.80 10.73
CA GLN B 79 -5.30 -7.63 11.42
C GLN B 79 -4.49 -6.54 12.17
N ALA B 80 -4.94 -6.15 13.37
CA ALA B 80 -4.58 -4.83 13.98
C ALA B 80 -3.42 -4.88 14.94
N SER B 81 -2.57 -5.86 14.72
CA SER B 81 -1.54 -6.15 15.68
C SER B 81 -0.18 -6.17 14.96
N VAL B 82 0.83 -5.51 15.55
CA VAL B 82 2.07 -5.22 14.79
C VAL B 82 3.02 -6.43 14.67
N ALA B 83 3.06 -7.29 15.69
CA ALA B 83 3.87 -8.52 15.59
C ALA B 83 3.52 -9.37 14.34
N ILE B 84 2.67 -10.38 14.50
CA ILE B 84 1.87 -11.01 13.42
C ILE B 84 1.97 -10.43 11.97
N SER B 85 1.90 -9.11 11.84
CA SER B 85 2.05 -8.50 10.51
C SER B 85 3.48 -8.74 9.97
N VAL B 86 4.43 -8.96 10.87
CA VAL B 86 5.84 -9.10 10.53
C VAL B 86 6.15 -10.47 9.92
N ARG B 87 5.51 -11.50 10.44
CA ARG B 87 5.83 -12.86 10.00
C ARG B 87 5.06 -13.31 8.77
N GLU B 88 3.84 -12.80 8.61
CA GLU B 88 3.07 -13.08 7.39
C GLU B 88 2.50 -11.80 6.78
N PRO B 89 3.39 -10.96 6.22
CA PRO B 89 2.91 -9.67 5.72
C PRO B 89 1.87 -9.82 4.60
N ALA B 90 1.96 -10.87 3.79
CA ALA B 90 1.01 -11.02 2.69
C ALA B 90 -0.38 -11.24 3.26
N ARG B 91 -0.48 -12.10 4.26
CA ARG B 91 -1.76 -12.38 4.90
C ARG B 91 -2.30 -11.15 5.60
N ASP B 92 -1.41 -10.39 6.24
CA ASP B 92 -1.79 -9.12 6.86
C ASP B 92 -2.37 -8.13 5.85
N ALA B 93 -1.66 -7.93 4.73
CA ALA B 93 -2.10 -6.99 3.71
C ALA B 93 -3.41 -7.43 3.04
N LYS B 94 -3.67 -8.73 3.02
CA LYS B 94 -4.93 -9.20 2.45
C LYS B 94 -6.12 -8.66 3.23
N THR B 95 -6.04 -8.70 4.56
CA THR B 95 -7.09 -8.09 5.37
C THR B 95 -6.97 -6.57 5.36
N ASN B 96 -5.77 -6.05 5.55
CA ASN B 96 -5.61 -4.62 5.81
C ASN B 96 -5.72 -3.74 4.56
N ILE B 97 -5.20 -4.21 3.44
CA ILE B 97 -5.31 -3.45 2.19
C ILE B 97 -6.43 -3.98 1.29
N ILE B 98 -6.33 -5.25 0.88
CA ILE B 98 -7.32 -5.83 -0.05
C ILE B 98 -8.74 -5.76 0.53
N GLY B 99 -8.89 -6.12 1.79
CA GLY B 99 -10.19 -6.00 2.46
C GLY B 99 -10.77 -4.60 2.39
N SER B 100 -9.94 -3.59 2.64
CA SER B 100 -10.40 -2.20 2.58
C SER B 100 -10.84 -1.86 1.15
N LEU B 101 -10.05 -2.32 0.18
CA LEU B 101 -10.33 -2.08 -1.24
C LEU B 101 -11.65 -2.72 -1.68
N VAL B 102 -11.95 -3.92 -1.19
CA VAL B 102 -13.23 -4.55 -1.53
C VAL B 102 -14.40 -3.72 -0.99
N LEU B 103 -14.29 -3.30 0.26
CA LEU B 103 -15.31 -2.45 0.88
C LEU B 103 -15.51 -1.15 0.12
N LEU B 104 -14.41 -0.57 -0.35
CA LEU B 104 -14.46 0.70 -1.05
C LEU B 104 -15.09 0.54 -2.43
N GLU B 105 -14.75 -0.54 -3.14
CA GLU B 105 -15.41 -0.82 -4.42
C GLU B 105 -16.91 -0.96 -4.26
N LYS B 106 -17.34 -1.71 -3.24
CA LYS B 106 -18.77 -1.87 -3.00
C LYS B 106 -19.39 -0.55 -2.55
N SER B 107 -18.63 0.24 -1.79
CA SER B 107 -19.12 1.53 -1.29
C SER B 107 -19.46 2.49 -2.44
N ILE B 108 -18.59 2.49 -3.43
CA ILE B 108 -18.74 3.30 -4.64
C ILE B 108 -19.92 2.84 -5.48
N LYS B 109 -20.10 1.53 -5.51
CA LYS B 109 -21.09 0.93 -6.38
C LYS B 109 -22.49 1.14 -5.82
N TYR B 110 -22.61 1.05 -4.49
CA TYR B 110 -23.92 1.11 -3.85
C TYR B 110 -24.21 2.42 -3.11
N GLY B 111 -23.49 3.47 -3.47
CA GLY B 111 -23.83 4.82 -3.07
C GLY B 111 -23.66 5.20 -1.60
N VAL B 112 -22.70 4.58 -0.93
CA VAL B 112 -22.32 4.98 0.41
C VAL B 112 -22.01 6.48 0.46
N LYS B 113 -22.50 7.17 1.48
CA LYS B 113 -22.24 8.61 1.61
C LYS B 113 -20.87 8.94 2.20
N LYS B 114 -20.46 8.20 3.21
CA LYS B 114 -19.17 8.48 3.86
C LYS B 114 -18.56 7.22 4.45
N PHE B 115 -17.24 7.11 4.34
CA PHE B 115 -16.47 5.96 4.80
C PHE B 115 -15.53 6.44 5.92
N ILE B 116 -15.70 5.92 7.13
CA ILE B 116 -14.86 6.38 8.26
C ILE B 116 -13.87 5.28 8.64
N PHE B 117 -12.59 5.54 8.40
CA PHE B 117 -11.55 4.52 8.47
C PHE B 117 -10.75 4.64 9.75
N SER B 118 -10.57 3.54 10.47
CA SER B 118 -9.69 3.55 11.63
C SER B 118 -8.24 3.33 11.19
N SER B 119 -7.39 4.33 11.39
CA SER B 119 -5.97 4.18 11.09
C SER B 119 -5.14 4.29 12.36
N THR B 120 -3.84 4.53 12.20
CA THR B 120 -2.94 4.55 13.34
C THR B 120 -2.03 5.77 13.29
N GLY B 121 -1.77 6.37 14.45
CA GLY B 121 -0.82 7.46 14.54
C GLY B 121 0.61 6.95 14.58
N GLY B 122 0.94 6.27 15.67
CA GLY B 122 2.29 5.79 15.94
C GLY B 122 2.98 5.04 14.82
N ALA B 123 2.34 3.99 14.32
CA ALA B 123 2.95 3.16 13.29
C ALA B 123 3.06 3.86 11.93
N ILE B 124 2.42 5.01 11.77
CA ILE B 124 2.55 5.77 10.52
C ILE B 124 3.65 6.83 10.55
N TYR B 125 3.83 7.50 11.68
CA TYR B 125 4.84 8.56 11.77
C TYR B 125 6.27 8.00 11.80
N GLY B 126 6.41 6.73 12.18
CA GLY B 126 7.70 6.09 12.14
C GLY B 126 8.58 6.42 13.35
N GLU B 127 9.88 6.19 13.22
CA GLU B 127 10.74 6.10 14.41
C GLU B 127 11.65 7.32 14.70
N ASN B 128 11.67 8.31 13.81
CA ASN B 128 12.57 9.46 14.02
C ASN B 128 11.86 10.80 14.20
N VAL B 129 10.67 10.78 14.76
CA VAL B 129 9.92 12.02 14.97
C VAL B 129 10.66 12.89 15.99
N LYS B 130 10.67 14.20 15.76
CA LYS B 130 11.37 15.11 16.67
C LYS B 130 10.43 16.09 17.35
N VAL B 131 9.27 16.31 16.73
CA VAL B 131 8.25 17.22 17.28
C VAL B 131 7.13 16.47 18.00
N PHE B 132 6.98 16.78 19.29
CA PHE B 132 5.89 16.24 20.09
C PHE B 132 5.16 17.37 20.81
N PRO B 133 3.83 17.27 20.94
CA PRO B 133 3.00 16.24 20.29
C PRO B 133 2.98 16.39 18.76
N THR B 134 2.77 15.27 18.09
CA THR B 134 2.99 15.16 16.64
C THR B 134 1.74 15.50 15.85
N PRO B 135 1.82 16.52 14.97
CA PRO B 135 0.69 16.91 14.13
C PRO B 135 0.55 16.08 12.85
N GLU B 136 -0.60 16.15 12.20
CA GLU B 136 -0.82 15.39 10.96
C GLU B 136 0.07 15.84 9.80
N THR B 137 0.77 16.96 9.97
CA THR B 137 1.65 17.49 8.92
C THR B 137 3.00 16.79 8.92
N GLU B 138 3.27 16.02 9.97
CA GLU B 138 4.50 15.23 10.04
C GLU B 138 4.49 14.17 8.93
N ILE B 139 5.59 14.09 8.20
CA ILE B 139 5.71 13.21 7.02
C ILE B 139 5.69 11.73 7.44
N PRO B 140 4.79 10.95 6.84
CA PRO B 140 4.69 9.53 7.21
C PRO B 140 5.93 8.73 6.80
N HIS B 141 6.42 7.86 7.67
CA HIS B 141 7.51 6.94 7.33
C HIS B 141 7.27 5.61 8.03
N PRO B 142 6.22 4.88 7.62
CA PRO B 142 5.93 3.61 8.29
C PRO B 142 6.97 2.58 7.89
N ILE B 143 7.42 1.78 8.85
CA ILE B 143 8.44 0.80 8.57
C ILE B 143 7.99 -0.60 8.96
N SER B 144 6.82 -0.73 9.58
CA SER B 144 6.22 -2.02 9.89
C SER B 144 5.13 -2.33 8.88
N PRO B 145 4.85 -3.62 8.63
CA PRO B 145 3.83 -3.96 7.64
C PRO B 145 2.46 -3.41 8.02
N TYR B 146 2.17 -3.38 9.32
CA TYR B 146 0.91 -2.79 9.81
C TYR B 146 0.80 -1.31 9.44
N GLY B 147 1.86 -0.54 9.71
CA GLY B 147 1.85 0.88 9.39
C GLY B 147 1.82 1.14 7.89
N ILE B 148 2.55 0.32 7.14
CA ILE B 148 2.57 0.45 5.69
C ILE B 148 1.18 0.20 5.13
N ALA B 149 0.53 -0.87 5.59
CA ALA B 149 -0.82 -1.24 5.14
C ALA B 149 -1.84 -0.15 5.47
N LYS B 150 -1.77 0.38 6.69
CA LYS B 150 -2.71 1.44 7.06
C LYS B 150 -2.51 2.68 6.19
N TYR B 151 -1.26 3.07 5.99
CA TYR B 151 -0.94 4.22 5.15
C TYR B 151 -1.35 3.99 3.69
N SER B 152 -1.12 2.79 3.16
CA SER B 152 -1.57 2.48 1.80
C SER B 152 -3.08 2.66 1.68
N THR B 153 -3.82 2.17 2.66
CA THR B 153 -5.27 2.34 2.64
C THR B 153 -5.67 3.81 2.68
N GLU B 154 -4.97 4.64 3.46
CA GLU B 154 -5.30 6.06 3.49
C GLU B 154 -5.16 6.67 2.10
N MET B 155 -4.13 6.23 1.38
CA MET B 155 -3.86 6.73 0.05
C MET B 155 -4.93 6.25 -0.93
N TYR B 156 -5.38 5.01 -0.78
CA TYR B 156 -6.46 4.53 -1.63
C TYR B 156 -7.75 5.32 -1.36
N LEU B 157 -7.98 5.67 -0.10
CA LEU B 157 -9.17 6.46 0.24
C LEU B 157 -9.24 7.77 -0.55
N GLU B 158 -8.09 8.42 -0.68
CA GLU B 158 -8.01 9.64 -1.48
C GLU B 158 -8.30 9.38 -2.96
N PHE B 159 -7.83 8.24 -3.49
CA PHE B 159 -8.18 7.86 -4.85
C PHE B 159 -9.69 7.75 -5.01
N PHE B 160 -10.37 7.04 -4.10
CA PHE B 160 -11.81 6.85 -4.24
C PHE B 160 -12.58 8.16 -4.14
N ALA B 161 -12.11 9.05 -3.26
CA ALA B 161 -12.71 10.38 -3.14
C ALA B 161 -12.57 11.13 -4.46
N ARG B 162 -11.35 11.18 -5.00
CA ARG B 162 -11.12 11.88 -6.27
C ARG B 162 -11.88 11.27 -7.44
N GLU B 163 -11.86 9.95 -7.53
CA GLU B 163 -12.45 9.27 -8.68
C GLU B 163 -13.98 9.24 -8.68
N TYR B 164 -14.60 9.10 -7.50
CA TYR B 164 -16.04 8.95 -7.43
C TYR B 164 -16.78 9.97 -6.54
N GLY B 165 -16.06 10.81 -5.83
CA GLY B 165 -16.72 11.73 -4.91
C GLY B 165 -17.16 11.09 -3.60
N LEU B 166 -16.61 9.92 -3.27
CA LEU B 166 -16.86 9.31 -1.96
C LEU B 166 -16.23 10.20 -0.89
N LYS B 167 -16.99 10.54 0.15
CA LYS B 167 -16.42 11.31 1.26
C LYS B 167 -15.82 10.35 2.29
N TYR B 168 -14.72 10.75 2.93
CA TYR B 168 -14.13 9.89 3.94
C TYR B 168 -13.52 10.69 5.09
N THR B 169 -13.24 10.01 6.19
CA THR B 169 -12.44 10.58 7.26
C THR B 169 -11.53 9.48 7.79
N VAL B 170 -10.26 9.81 7.95
CA VAL B 170 -9.29 8.91 8.56
C VAL B 170 -9.06 9.35 10.00
N LEU B 171 -9.20 8.40 10.93
CA LEU B 171 -8.90 8.67 12.33
C LEU B 171 -7.68 7.85 12.73
N ARG B 172 -6.56 8.52 12.95
CA ARG B 172 -5.33 7.86 13.38
C ARG B 172 -5.30 7.83 14.89
N TYR B 173 -5.66 6.70 15.49
CA TYR B 173 -5.70 6.58 16.94
C TYR B 173 -4.31 6.53 17.56
N ALA B 174 -4.20 7.04 18.78
CA ALA B 174 -3.05 6.78 19.64
C ALA B 174 -3.22 5.40 20.28
N ASN B 175 -2.74 5.22 21.51
CA ASN B 175 -2.92 3.92 22.17
C ASN B 175 -4.28 3.80 22.84
N VAL B 176 -5.18 3.04 22.24
CA VAL B 176 -6.54 2.92 22.77
C VAL B 176 -6.62 1.86 23.87
N TYR B 177 -7.27 2.20 24.99
CA TYR B 177 -7.43 1.27 26.10
C TYR B 177 -8.85 1.35 26.66
N GLY B 178 -9.25 0.36 27.47
CA GLY B 178 -10.55 0.37 28.11
C GLY B 178 -11.28 -0.97 28.13
N PRO B 179 -12.54 -0.97 28.58
CA PRO B 179 -13.34 -2.20 28.64
C PRO B 179 -13.42 -2.93 27.29
N ARG B 180 -13.32 -4.26 27.35
CA ARG B 180 -13.33 -5.18 26.19
C ARG B 180 -12.02 -5.30 25.42
N GLN B 181 -10.98 -4.56 25.81
CA GLN B 181 -9.67 -4.83 25.23
C GLN B 181 -9.20 -6.20 25.74
N ASP B 182 -8.75 -7.05 24.83
CA ASP B 182 -8.40 -8.44 25.14
C ASP B 182 -7.05 -8.49 25.84
N PRO B 183 -7.00 -9.05 27.05
CA PRO B 183 -5.73 -9.08 27.78
C PRO B 183 -4.86 -10.30 27.44
N TYR B 184 -5.30 -11.17 26.53
CA TYR B 184 -4.55 -12.39 26.24
C TYR B 184 -3.88 -12.38 24.87
N GLY B 185 -4.20 -11.38 24.05
CA GLY B 185 -3.61 -11.27 22.72
C GLY B 185 -2.15 -10.84 22.74
N GLU B 186 -1.67 -10.43 21.58
CA GLU B 186 -0.30 -9.94 21.44
C GLU B 186 -0.03 -8.74 22.33
N ALA B 187 -0.97 -7.80 22.35
CA ALA B 187 -0.66 -6.48 22.89
C ALA B 187 -1.81 -5.81 23.63
N GLY B 188 -1.65 -4.52 23.87
CA GLY B 188 -2.57 -3.76 24.69
C GLY B 188 -2.09 -3.77 26.13
N VAL B 189 -1.02 -3.03 26.40
CA VAL B 189 -0.38 -3.01 27.73
C VAL B 189 -1.36 -2.72 28.89
N VAL B 190 -2.34 -1.83 28.68
CA VAL B 190 -3.27 -1.51 29.78
C VAL B 190 -4.07 -2.75 30.19
N ALA B 191 -4.54 -3.51 29.19
CA ALA B 191 -5.34 -4.70 29.46
C ALA B 191 -4.47 -5.81 30.07
N ILE B 192 -3.24 -5.94 29.56
CA ILE B 192 -2.29 -6.92 30.08
C ILE B 192 -1.93 -6.66 31.55
N PHE B 193 -1.52 -5.44 31.86
CA PHE B 193 -1.20 -5.05 33.24
C PHE B 193 -2.39 -5.25 34.18
N THR B 194 -3.58 -4.79 33.76
CA THR B 194 -4.77 -4.87 34.59
C THR B 194 -5.11 -6.33 34.93
N GLU B 195 -5.10 -7.18 33.92
CA GLU B 195 -5.45 -8.59 34.11
C GLU B 195 -4.41 -9.29 35.00
N ARG B 196 -3.13 -9.07 34.72
CA ARG B 196 -2.07 -9.62 35.55
C ARG B 196 -2.20 -9.17 37.01
N MET B 197 -2.40 -7.87 37.22
CA MET B 197 -2.42 -7.32 38.57
C MET B 197 -3.60 -7.83 39.38
N LEU B 198 -4.77 -7.92 38.75
CA LEU B 198 -5.97 -8.38 39.45
C LEU B 198 -5.86 -9.87 39.80
N ARG B 199 -5.04 -10.60 39.05
CA ARG B 199 -4.84 -12.01 39.29
C ARG B 199 -3.59 -12.26 40.14
N GLY B 200 -2.91 -11.19 40.52
CA GLY B 200 -1.71 -11.29 41.34
C GLY B 200 -0.55 -12.00 40.66
N GLU B 201 -0.58 -12.04 39.33
CA GLU B 201 0.49 -12.68 38.57
C GLU B 201 1.65 -11.72 38.33
N GLU B 202 2.72 -12.22 37.72
CA GLU B 202 3.86 -11.38 37.35
C GLU B 202 3.46 -10.32 36.32
N VAL B 203 4.07 -9.14 36.42
CA VAL B 203 3.89 -8.09 35.41
C VAL B 203 5.24 -7.79 34.76
N HIS B 204 5.27 -7.78 33.43
CA HIS B 204 6.53 -7.64 32.72
C HIS B 204 6.68 -6.27 32.08
N ILE B 205 7.78 -5.59 32.38
CA ILE B 205 8.10 -4.33 31.73
C ILE B 205 9.27 -4.58 30.78
N PHE B 206 9.06 -4.27 29.50
CA PHE B 206 10.08 -4.49 28.48
C PHE B 206 11.12 -3.36 28.48
N GLY B 207 12.40 -3.74 28.43
CA GLY B 207 13.48 -2.75 28.44
C GLY B 207 13.49 -1.93 29.71
N ASP B 208 13.67 -0.61 29.57
CA ASP B 208 13.77 0.25 30.76
C ASP B 208 12.43 0.83 31.22
N GLY B 209 11.35 0.53 30.50
CA GLY B 209 10.04 1.07 30.82
C GLY B 209 9.83 2.55 30.51
N GLU B 210 10.82 3.15 29.85
CA GLU B 210 10.77 4.58 29.57
C GLU B 210 10.08 4.92 28.26
N TYR B 211 9.54 3.90 27.58
CA TYR B 211 8.76 4.13 26.37
C TYR B 211 7.52 4.98 26.66
N VAL B 212 7.33 6.02 25.87
CA VAL B 212 6.26 6.99 26.11
C VAL B 212 5.17 6.77 25.07
N ARG B 213 3.93 6.67 25.56
CA ARG B 213 2.76 6.49 24.73
C ARG B 213 1.68 7.48 25.15
N ASP B 214 0.72 7.67 24.26
CA ASP B 214 -0.41 8.56 24.46
C ASP B 214 -1.65 7.66 24.61
N TYR B 215 -2.10 7.44 25.85
CA TYR B 215 -3.22 6.54 26.10
C TYR B 215 -4.57 7.25 26.03
N VAL B 216 -5.41 6.82 25.10
CA VAL B 216 -6.69 7.50 24.86
C VAL B 216 -7.83 6.52 25.14
N TYR B 217 -8.84 6.97 25.91
CA TYR B 217 -9.90 6.07 26.36
C TYR B 217 -10.85 5.71 25.23
N VAL B 218 -11.29 4.44 25.20
CA VAL B 218 -12.11 3.94 24.08
C VAL B 218 -13.39 4.77 23.85
N ASP B 219 -14.06 5.21 24.92
CA ASP B 219 -15.30 5.98 24.73
C ASP B 219 -15.02 7.30 24.03
N ASP B 220 -13.83 7.84 24.24
CA ASP B 220 -13.46 9.07 23.54
C ASP B 220 -13.23 8.78 22.06
N VAL B 221 -12.63 7.63 21.77
CA VAL B 221 -12.39 7.21 20.38
C VAL B 221 -13.73 7.01 19.68
N VAL B 222 -14.68 6.44 20.39
CA VAL B 222 -16.02 6.24 19.81
C VAL B 222 -16.68 7.57 19.47
N ARG B 223 -16.60 8.54 20.38
CA ARG B 223 -17.15 9.87 20.10
C ARG B 223 -16.56 10.51 18.83
N ALA B 224 -15.26 10.32 18.60
CA ALA B 224 -14.63 10.84 17.38
C ALA B 224 -15.19 10.19 16.13
N ASN B 225 -15.46 8.89 16.20
CA ASN B 225 -16.07 8.22 15.06
C ASN B 225 -17.42 8.84 14.70
N LEU B 226 -18.24 9.08 15.71
CA LEU B 226 -19.57 9.62 15.49
C LEU B 226 -19.54 11.07 15.00
N LEU B 227 -18.58 11.85 15.50
CA LEU B 227 -18.42 13.23 15.06
C LEU B 227 -18.00 13.29 13.58
N ALA B 228 -17.28 12.27 13.13
CA ALA B 228 -16.85 12.19 11.74
C ALA B 228 -17.97 11.84 10.76
N MET B 229 -19.17 11.58 11.26
CA MET B 229 -20.27 11.31 10.33
C MET B 229 -20.65 12.58 9.55
N GLU B 230 -20.75 13.70 10.27
CA GLU B 230 -21.13 14.96 9.61
C GLU B 230 -20.01 15.98 9.41
N LYS B 231 -18.89 15.80 10.11
CA LYS B 231 -17.79 16.78 9.99
C LYS B 231 -16.51 16.14 9.48
N GLY B 232 -15.56 16.98 9.06
CA GLY B 232 -14.23 16.51 8.71
C GLY B 232 -14.14 15.70 7.43
N ASP B 233 -14.98 16.05 6.45
CA ASP B 233 -14.93 15.38 5.14
C ASP B 233 -13.54 15.44 4.49
N ASN B 234 -13.06 14.27 4.08
CA ASN B 234 -11.80 14.12 3.36
C ASN B 234 -10.58 14.65 4.10
N GLU B 235 -10.56 14.44 5.42
CA GLU B 235 -9.45 14.89 6.24
C GLU B 235 -8.88 13.73 7.06
N VAL B 236 -7.62 13.84 7.42
CA VAL B 236 -6.95 12.89 8.33
C VAL B 236 -6.81 13.53 9.72
N PHE B 237 -7.26 12.85 10.77
CA PHE B 237 -7.15 13.39 12.13
C PHE B 237 -6.45 12.47 13.10
N ASN B 238 -5.47 13.00 13.82
CA ASN B 238 -4.95 12.33 15.02
C ASN B 238 -6.05 12.28 16.06
N ILE B 239 -6.25 11.12 16.68
CA ILE B 239 -7.15 11.00 17.81
C ILE B 239 -6.32 10.49 19.00
N GLY B 240 -5.95 11.42 19.88
CA GLY B 240 -5.15 11.08 21.06
C GLY B 240 -5.34 12.17 22.10
N THR B 241 -4.57 12.13 23.18
CA THR B 241 -4.78 13.08 24.27
C THR B 241 -3.74 14.18 24.31
N GLY B 242 -2.64 14.00 23.58
CA GLY B 242 -1.55 14.98 23.61
C GLY B 242 -0.68 14.88 24.84
N ARG B 243 -0.90 13.83 25.63
CA ARG B 243 -0.17 13.65 26.88
C ARG B 243 0.61 12.35 26.85
N GLY B 244 1.89 12.41 27.23
CA GLY B 244 2.75 11.24 27.22
C GLY B 244 2.87 10.56 28.57
N THR B 245 2.79 9.23 28.56
CA THR B 245 2.93 8.43 29.77
C THR B 245 3.97 7.33 29.55
N THR B 246 4.95 7.20 30.45
CA THR B 246 5.92 6.09 30.36
C THR B 246 5.23 4.81 30.79
N VAL B 247 5.81 3.67 30.42
CA VAL B 247 5.29 2.38 30.89
C VAL B 247 5.43 2.28 32.42
N ASN B 248 6.56 2.76 32.94
CA ASN B 248 6.76 2.80 34.40
C ASN B 248 5.66 3.57 35.11
N GLN B 249 5.26 4.70 34.53
CA GLN B 249 4.20 5.49 35.12
C GLN B 249 2.85 4.77 35.04
N LEU B 250 2.58 4.15 33.89
CA LEU B 250 1.37 3.36 33.73
C LEU B 250 1.34 2.27 34.80
N PHE B 251 2.47 1.58 34.99
CA PHE B 251 2.55 0.53 35.99
C PHE B 251 2.17 1.08 37.37
N LYS B 252 2.77 2.20 37.74
CA LYS B 252 2.51 2.79 39.07
C LYS B 252 1.06 3.13 39.27
N LEU B 253 0.46 3.77 38.25
CA LEU B 253 -0.93 4.17 38.32
C LEU B 253 -1.85 2.98 38.51
N LEU B 254 -1.62 1.94 37.72
CA LEU B 254 -2.45 0.76 37.79
C LEU B 254 -2.18 -0.05 39.06
N LYS B 255 -0.95 0.00 39.54
CA LYS B 255 -0.60 -0.66 40.82
C LYS B 255 -1.39 -0.02 41.96
N GLU B 256 -1.45 1.30 41.99
CA GLU B 256 -2.18 2.02 43.03
C GLU B 256 -3.68 1.71 42.96
N ILE B 257 -4.24 1.68 41.76
CA ILE B 257 -5.68 1.43 41.61
C ILE B 257 -6.05 0.00 41.95
N THR B 258 -5.25 -0.97 41.52
CA THR B 258 -5.59 -2.37 41.73
C THR B 258 -5.26 -2.85 43.13
N GLY B 259 -4.33 -2.18 43.79
CA GLY B 259 -3.80 -2.65 45.06
C GLY B 259 -2.76 -3.77 44.89
N TYR B 260 -2.17 -3.85 43.69
CA TYR B 260 -1.12 -4.82 43.38
C TYR B 260 0.03 -4.66 44.36
N ASP B 261 0.56 -5.79 44.84
CA ASP B 261 1.53 -5.78 45.94
C ASP B 261 2.90 -6.33 45.57
N LYS B 262 3.21 -6.36 44.27
CA LYS B 262 4.50 -6.89 43.80
C LYS B 262 5.27 -5.84 43.00
N GLU B 263 6.55 -6.11 42.76
CA GLU B 263 7.37 -5.24 41.93
C GLU B 263 7.33 -5.78 40.50
N PRO B 264 7.61 -4.92 39.50
CA PRO B 264 7.57 -5.45 38.14
C PRO B 264 8.79 -6.33 37.84
N VAL B 265 8.63 -7.25 36.90
CA VAL B 265 9.75 -8.07 36.45
C VAL B 265 10.15 -7.53 35.09
N TYR B 266 11.41 -7.11 34.96
CA TYR B 266 11.88 -6.50 33.74
C TYR B 266 12.31 -7.57 32.75
N LYS B 267 11.99 -7.36 31.47
CA LYS B 267 12.34 -8.32 30.42
C LYS B 267 13.16 -7.59 29.36
N PRO B 268 13.72 -8.33 28.38
CA PRO B 268 14.48 -7.59 27.37
C PRO B 268 13.58 -6.68 26.54
N PRO B 269 14.15 -5.61 25.95
CA PRO B 269 13.37 -4.68 25.12
C PRO B 269 12.73 -5.43 23.96
N ARG B 270 11.54 -5.01 23.55
CA ARG B 270 10.80 -5.67 22.49
C ARG B 270 11.22 -5.01 21.17
N LYS B 271 11.67 -5.83 20.21
CA LYS B 271 12.21 -5.30 18.97
C LYS B 271 11.19 -4.43 18.24
N GLY B 272 11.62 -3.27 17.75
CA GLY B 272 10.75 -2.40 16.98
C GLY B 272 9.93 -1.35 17.73
N ASP B 273 9.98 -1.35 19.06
CA ASP B 273 9.23 -0.37 19.85
C ASP B 273 9.77 1.05 19.61
N VAL B 274 8.96 1.96 19.07
CA VAL B 274 9.44 3.34 19.01
C VAL B 274 9.53 3.88 20.41
N ARG B 275 10.45 4.81 20.60
CA ARG B 275 10.78 5.32 21.92
C ARG B 275 9.65 6.20 22.45
N LYS B 276 9.03 6.96 21.55
CA LYS B 276 8.03 7.94 21.98
C LYS B 276 6.99 8.20 20.92
N SER B 277 5.72 8.18 21.35
CA SER B 277 4.59 8.52 20.50
C SER B 277 3.65 9.41 21.31
N ILE B 278 3.41 10.63 20.84
CA ILE B 278 2.40 11.52 21.43
C ILE B 278 1.72 12.30 20.31
N LEU B 279 0.39 12.29 20.26
CA LEU B 279 -0.30 12.89 19.12
C LEU B 279 -0.88 14.27 19.42
N ASP B 280 -0.73 15.19 18.46
CA ASP B 280 -1.35 16.51 18.57
C ASP B 280 -2.80 16.41 18.05
N TYR B 281 -3.79 16.65 18.91
CA TYR B 281 -5.18 16.53 18.48
C TYR B 281 -5.86 17.87 18.16
N THR B 282 -5.07 18.92 17.99
CA THR B 282 -5.60 20.25 17.69
C THR B 282 -6.54 20.26 16.49
N LYS B 283 -6.16 19.58 15.41
CA LYS B 283 -6.97 19.56 14.20
C LYS B 283 -8.35 18.93 14.47
N ALA B 284 -8.39 17.81 15.19
CA ALA B 284 -9.68 17.21 15.53
C ALA B 284 -10.50 18.15 16.40
N LYS B 285 -9.84 18.85 17.32
CA LYS B 285 -10.53 19.78 18.22
C LYS B 285 -11.23 20.88 17.42
N GLU B 286 -10.54 21.39 16.40
CA GLU B 286 -11.07 22.49 15.59
C GLU B 286 -12.12 22.04 14.59
N LYS B 287 -11.82 20.96 13.84
CA LYS B 287 -12.67 20.57 12.73
C LYS B 287 -13.77 19.56 13.09
N LEU B 288 -13.52 18.69 14.06
CA LEU B 288 -14.54 17.75 14.53
C LEU B 288 -15.23 18.25 15.80
N GLY B 289 -14.61 19.20 16.48
CA GLY B 289 -15.10 19.62 17.79
C GLY B 289 -14.82 18.55 18.83
N TRP B 290 -13.79 17.74 18.59
CA TRP B 290 -13.47 16.61 19.46
C TRP B 290 -12.38 16.91 20.50
N GLU B 291 -12.59 16.45 21.72
CA GLU B 291 -11.54 16.42 22.73
C GLU B 291 -11.83 15.25 23.68
N PRO B 292 -10.79 14.73 24.35
CA PRO B 292 -11.02 13.65 25.32
C PRO B 292 -11.86 14.13 26.49
N LYS B 293 -12.81 13.32 26.94
CA LYS B 293 -13.62 13.69 28.09
C LYS B 293 -13.18 12.90 29.31
N VAL B 294 -12.34 11.90 29.07
CA VAL B 294 -11.91 10.99 30.12
C VAL B 294 -10.39 11.10 30.32
N SER B 295 -9.97 11.63 31.47
CA SER B 295 -8.55 11.69 31.80
C SER B 295 -8.01 10.27 31.99
N LEU B 296 -6.70 10.10 31.94
CA LEU B 296 -6.11 8.76 32.09
C LEU B 296 -6.45 8.09 33.42
N GLU B 297 -6.44 8.85 34.50
CA GLU B 297 -6.69 8.28 35.79
C GLU B 297 -8.09 7.76 35.85
N GLU B 298 -8.99 8.59 35.40
CA GLU B 298 -10.40 8.23 35.37
C GLU B 298 -10.63 7.01 34.47
N GLY B 299 -9.95 6.97 33.32
CA GLY B 299 -10.12 5.88 32.39
C GLY B 299 -9.55 4.57 32.90
N LEU B 300 -8.41 4.66 33.58
CA LEU B 300 -7.81 3.46 34.16
C LEU B 300 -8.72 2.87 35.23
N LYS B 301 -9.33 3.72 36.05
CA LYS B 301 -10.26 3.24 37.08
C LYS B 301 -11.46 2.52 36.45
N LEU B 302 -11.99 3.09 35.37
CA LEU B 302 -13.11 2.47 34.65
C LEU B 302 -12.69 1.14 34.06
N THR B 303 -11.45 1.06 33.60
CA THR B 303 -10.94 -0.17 33.01
C THR B 303 -10.79 -1.28 34.08
N VAL B 304 -10.17 -0.93 35.21
CA VAL B 304 -10.03 -1.87 36.31
C VAL B 304 -11.40 -2.33 36.83
N GLU B 305 -12.28 -1.35 37.07
CA GLU B 305 -13.69 -1.58 37.42
C GLU B 305 -14.28 -2.68 36.52
N TYR B 306 -14.15 -2.50 35.21
CA TYR B 306 -14.69 -3.45 34.25
C TYR B 306 -14.02 -4.81 34.32
N PHE B 307 -12.70 -4.84 34.43
CA PHE B 307 -11.99 -6.13 34.46
C PHE B 307 -12.35 -6.97 35.69
N ARG B 308 -12.51 -6.33 36.84
CA ARG B 308 -12.93 -7.02 38.06
C ARG B 308 -14.23 -7.78 37.81
N LYS B 309 -15.20 -7.09 37.21
CA LYS B 309 -16.50 -7.69 36.92
C LYS B 309 -16.42 -8.87 35.97
N THR B 310 -15.47 -8.82 35.04
CA THR B 310 -15.52 -9.70 33.86
C THR B 310 -14.74 -11.00 33.98
N LEU B 311 -13.95 -11.14 35.04
CA LEU B 311 -13.25 -12.41 35.28
C LEU B 311 -13.52 -12.92 36.69
#